data_6Z66
#
_entry.id   6Z66
#
_cell.length_a   76.186
_cell.length_b   212.992
_cell.length_c   94.639
_cell.angle_alpha   90.000
_cell.angle_beta   90.000
_cell.angle_gamma   90.000
#
_symmetry.space_group_name_H-M   'C 2 2 21'
#
_entity_poly.entity_id   1
_entity_poly.type   'polypeptide(L)'
_entity_poly.pdbx_seq_one_letter_code
;GPGSGPNSDLDVNTDIYSKVLVTAIYLALFVVGTVGNGVTLFTLARKKSLQSLQSRVDYYLGSLALSDLLILLFALPVDL
YNFIWVHHPWAFGDAGCKGYYFLREACTYATALNVVSLSVELYLAICHPFKAKTLMSRSRTKKFISAIWLASALLAIPML
FTMGLQNLSGDGTHPGGLVCTPIVDTATLRVVIQLNTFMSFLFPMLVASILNTVAARRLTVMVHQAAFNMTIEPGRVQAL
RRGVLVLRAVVIAFVVCWLPYHVRRLMFVYISDEQWTTALFDFYHYFYMLSNALVYVSAAINPILYNLAEDLVEDWEKAR
KLLEAARKGQDDEVRILLANGADVNTADETGFTPLHLAAWEGHLGIVEVLLKNGADVNANDERGHTPLHLAAYTGHLEIV
EVLLKNGAGVNATDVIGTAPLHLAAMWGHLEIVEVLLKNGADVNAQDKFGKTPFDLAIDNGNEDIAEVLQKAATRELEVL
FQ
;
_entity_poly.pdbx_strand_id   AAA
#
# COMPACT_ATOMS: atom_id res chain seq x y z
N ASN A 13 -39.48 15.25 25.78
CA ASN A 13 -38.42 16.22 25.39
C ASN A 13 -37.92 15.87 23.97
N THR A 14 -38.36 16.64 22.97
CA THR A 14 -38.00 16.48 21.53
C THR A 14 -37.45 17.79 20.98
N ASP A 15 -36.48 17.70 20.06
CA ASP A 15 -35.95 18.86 19.29
C ASP A 15 -35.75 18.41 17.84
N ILE A 16 -36.23 19.22 16.89
CA ILE A 16 -36.28 18.90 15.43
C ILE A 16 -34.90 19.14 14.80
N TYR A 17 -34.14 20.09 15.34
CA TYR A 17 -32.83 20.55 14.80
C TYR A 17 -31.88 19.36 14.64
N SER A 18 -31.81 18.49 15.65
CA SER A 18 -30.97 17.27 15.67
C SER A 18 -31.25 16.42 14.43
N LYS A 19 -32.53 16.16 14.14
CA LYS A 19 -33.00 15.33 13.00
C LYS A 19 -32.62 16.04 11.69
N VAL A 20 -32.89 17.35 11.60
CA VAL A 20 -32.58 18.21 10.42
C VAL A 20 -31.06 18.21 10.19
N LEU A 21 -30.29 18.52 11.23
CA LEU A 21 -28.80 18.52 11.19
C LEU A 21 -28.29 17.15 10.73
N VAL A 22 -28.81 16.08 11.35
CA VAL A 22 -28.45 14.66 11.04
C VAL A 22 -28.84 14.36 9.58
N THR A 23 -30.06 14.72 9.18
CA THR A 23 -30.62 14.48 7.83
C THR A 23 -29.70 15.10 6.77
N ALA A 24 -29.20 16.31 7.02
CA ALA A 24 -28.29 17.06 6.12
C ALA A 24 -26.99 16.25 5.93
N ILE A 25 -26.39 15.80 7.04
CA ILE A 25 -25.14 14.98 7.04
C ILE A 25 -25.45 13.62 6.38
N TYR A 26 -26.56 12.99 6.74
CA TYR A 26 -27.05 11.71 6.17
C TYR A 26 -27.13 11.81 4.64
N LEU A 27 -27.71 12.91 4.13
CA LEU A 27 -27.86 13.18 2.69
C LEU A 27 -26.47 13.37 2.05
N ALA A 28 -25.62 14.19 2.70
CA ALA A 28 -24.23 14.49 2.25
C ALA A 28 -23.43 13.20 2.10
N LEU A 29 -23.57 12.28 3.07
CA LEU A 29 -22.91 10.95 3.08
C LEU A 29 -23.53 10.06 2.01
N PHE A 30 -24.87 10.02 1.93
CA PHE A 30 -25.63 9.20 0.96
C PHE A 30 -25.18 9.54 -0.46
N VAL A 31 -25.38 10.79 -0.89
CA VAL A 31 -25.14 11.24 -2.30
C VAL A 31 -23.70 10.91 -2.70
N VAL A 32 -22.70 11.36 -1.93
CA VAL A 32 -21.26 11.24 -2.28
C VAL A 32 -20.84 9.76 -2.14
N GLY A 33 -21.21 9.13 -1.02
CA GLY A 33 -20.80 7.75 -0.66
C GLY A 33 -21.33 6.72 -1.65
N THR A 34 -22.62 6.82 -2.01
CA THR A 34 -23.29 5.94 -3.00
C THR A 34 -22.58 6.08 -4.35
N VAL A 35 -22.49 7.31 -4.86
CA VAL A 35 -21.86 7.64 -6.17
C VAL A 35 -20.39 7.18 -6.15
N GLY A 36 -19.63 7.59 -5.13
CA GLY A 36 -18.21 7.22 -4.96
C GLY A 36 -18.01 5.72 -5.08
N ASN A 37 -18.71 4.95 -4.25
CA ASN A 37 -18.62 3.46 -4.19
C ASN A 37 -19.13 2.87 -5.51
N GLY A 38 -20.27 3.36 -6.03
CA GLY A 38 -20.82 2.96 -7.33
C GLY A 38 -19.76 3.01 -8.42
N VAL A 39 -19.07 4.14 -8.54
CA VAL A 39 -17.98 4.39 -9.53
C VAL A 39 -16.83 3.42 -9.26
N THR A 40 -16.44 3.25 -7.99
CA THR A 40 -15.34 2.36 -7.54
C THR A 40 -15.59 0.93 -8.07
N LEU A 41 -16.83 0.46 -8.02
CA LEU A 41 -17.25 -0.87 -8.54
C LEU A 41 -17.18 -0.85 -10.07
N PHE A 42 -17.80 0.16 -10.69
CA PHE A 42 -17.87 0.37 -12.15
C PHE A 42 -16.45 0.42 -12.74
N THR A 43 -15.53 1.13 -12.08
CA THR A 43 -14.12 1.34 -12.51
C THR A 43 -13.38 0.00 -12.53
N LEU A 44 -13.42 -0.74 -11.42
CA LEU A 44 -12.74 -2.05 -11.26
C LEU A 44 -13.37 -3.08 -12.20
N ALA A 45 -14.70 -3.02 -12.40
CA ALA A 45 -15.46 -3.93 -13.27
C ALA A 45 -14.89 -3.91 -14.69
N ARG A 46 -14.40 -2.74 -15.15
CA ARG A 46 -13.74 -2.56 -16.47
C ARG A 46 -12.25 -2.87 -16.33
N LYS A 47 -11.54 -2.11 -15.50
CA LYS A 47 -10.08 -2.26 -15.25
C LYS A 47 -9.65 -1.31 -14.12
N SER A 52 -2.12 -8.32 -14.13
CA SER A 52 -1.02 -8.54 -13.16
C SER A 52 -1.53 -9.30 -11.93
N LEU A 53 -0.62 -9.70 -11.03
CA LEU A 53 -0.92 -10.46 -9.79
C LEU A 53 -1.46 -9.51 -8.70
N GLN A 54 -1.36 -8.19 -8.92
CA GLN A 54 -1.87 -7.14 -7.98
C GLN A 54 -3.31 -6.76 -8.36
N SER A 55 -4.00 -7.62 -9.13
CA SER A 55 -5.46 -7.58 -9.36
C SER A 55 -6.19 -8.18 -8.14
N ARG A 56 -5.45 -8.86 -7.25
CA ARG A 56 -5.94 -9.40 -5.96
C ARG A 56 -6.39 -8.24 -5.06
N VAL A 57 -5.68 -7.11 -5.15
CA VAL A 57 -6.01 -5.83 -4.44
C VAL A 57 -7.41 -5.38 -4.89
N ASP A 58 -7.66 -5.39 -6.20
CA ASP A 58 -8.91 -4.90 -6.85
C ASP A 58 -10.11 -5.69 -6.30
N TYR A 59 -9.98 -7.00 -6.14
CA TYR A 59 -11.05 -7.92 -5.66
C TYR A 59 -11.48 -7.51 -4.24
N TYR A 60 -10.52 -7.14 -3.38
CA TYR A 60 -10.76 -6.78 -1.96
C TYR A 60 -11.47 -5.42 -1.87
N LEU A 61 -10.98 -4.42 -2.62
CA LEU A 61 -11.56 -3.05 -2.66
C LEU A 61 -12.97 -3.10 -3.28
N GLY A 62 -13.19 -4.03 -4.23
CA GLY A 62 -14.50 -4.32 -4.83
C GLY A 62 -15.51 -4.80 -3.79
N SER A 63 -15.07 -5.68 -2.88
CA SER A 63 -15.90 -6.23 -1.77
C SER A 63 -16.34 -5.10 -0.84
N LEU A 64 -15.38 -4.29 -0.38
CA LEU A 64 -15.61 -3.13 0.53
C LEU A 64 -16.55 -2.13 -0.16
N ALA A 65 -16.23 -1.74 -1.39
CA ALA A 65 -17.04 -0.82 -2.22
C ALA A 65 -18.50 -1.29 -2.24
N LEU A 66 -18.73 -2.58 -2.51
CA LEU A 66 -20.07 -3.21 -2.58
C LEU A 66 -20.72 -3.19 -1.19
N SER A 67 -20.05 -3.75 -0.18
CA SER A 67 -20.56 -3.87 1.21
C SER A 67 -20.89 -2.49 1.78
N ASP A 68 -20.08 -1.47 1.44
CA ASP A 68 -20.23 -0.08 1.92
C ASP A 68 -21.36 0.63 1.15
N LEU A 69 -21.52 0.30 -0.15
CA LEU A 69 -22.61 0.85 -1.01
C LEU A 69 -23.97 0.39 -0.44
N LEU A 70 -24.11 -0.91 -0.16
CA LEU A 70 -25.36 -1.53 0.35
C LEU A 70 -25.82 -0.83 1.63
N ILE A 71 -24.87 -0.53 2.54
CA ILE A 71 -25.11 0.22 3.80
C ILE A 71 -25.78 1.56 3.45
N LEU A 72 -25.21 2.30 2.51
CA LEU A 72 -25.70 3.67 2.14
C LEU A 72 -26.97 3.57 1.31
N LEU A 73 -27.07 2.57 0.41
CA LEU A 73 -28.17 2.44 -0.57
C LEU A 73 -29.47 1.98 0.12
N PHE A 74 -29.37 1.08 1.11
CA PHE A 74 -30.53 0.35 1.70
C PHE A 74 -30.70 0.72 3.18
N ALA A 75 -29.62 0.67 3.97
CA ALA A 75 -29.67 0.90 5.44
C ALA A 75 -29.95 2.37 5.74
N LEU A 76 -29.31 3.32 5.04
CA LEU A 76 -29.40 4.77 5.35
C LEU A 76 -30.83 5.28 5.12
N PRO A 77 -31.42 5.12 3.91
CA PRO A 77 -32.76 5.66 3.64
C PRO A 77 -33.81 5.14 4.64
N VAL A 78 -33.78 3.82 4.92
CA VAL A 78 -34.69 3.14 5.87
C VAL A 78 -34.46 3.72 7.28
N ASP A 79 -33.19 3.88 7.67
CA ASP A 79 -32.78 4.51 8.95
C ASP A 79 -33.37 5.92 9.02
N LEU A 80 -33.05 6.76 8.04
CA LEU A 80 -33.40 8.21 8.02
C LEU A 80 -34.91 8.40 8.16
N TYR A 81 -35.72 7.59 7.48
CA TYR A 81 -37.20 7.71 7.48
C TYR A 81 -37.78 7.17 8.80
N ASN A 82 -37.69 5.85 9.00
CA ASN A 82 -38.52 5.12 10.00
C ASN A 82 -37.83 5.06 11.38
N PHE A 83 -36.59 5.54 11.51
CA PHE A 83 -35.83 5.55 12.78
C PHE A 83 -35.58 7.00 13.25
N ILE A 84 -35.08 7.87 12.37
CA ILE A 84 -34.77 9.30 12.71
C ILE A 84 -36.08 10.08 12.79
N TRP A 85 -36.82 10.16 11.67
CA TRP A 85 -38.06 10.99 11.55
C TRP A 85 -39.28 10.19 12.01
N VAL A 86 -40.02 9.59 11.06
CA VAL A 86 -41.32 8.89 11.29
C VAL A 86 -41.06 7.68 12.18
N HIS A 87 -41.82 7.55 13.28
CA HIS A 87 -41.60 6.53 14.35
C HIS A 87 -42.73 5.50 14.34
N HIS A 88 -43.94 5.90 14.73
CA HIS A 88 -45.12 5.02 14.95
C HIS A 88 -45.43 4.23 13.69
N PRO A 89 -45.69 4.88 12.53
CA PRO A 89 -46.05 4.18 11.30
C PRO A 89 -44.83 3.68 10.51
N TRP A 90 -44.62 2.36 10.51
CA TRP A 90 -43.54 1.64 9.77
C TRP A 90 -44.04 1.27 8.37
N ALA A 91 -43.33 1.69 7.32
CA ALA A 91 -43.80 1.69 5.91
C ALA A 91 -43.06 0.66 5.05
N PHE A 92 -42.20 -0.17 5.65
CA PHE A 92 -41.37 -1.18 4.94
C PHE A 92 -41.86 -2.61 5.24
N GLY A 93 -42.90 -2.75 6.06
CA GLY A 93 -43.59 -4.03 6.34
C GLY A 93 -42.73 -5.00 7.11
N ASP A 94 -43.20 -6.24 7.25
CA ASP A 94 -42.56 -7.31 8.07
C ASP A 94 -41.24 -7.74 7.41
N ALA A 95 -41.24 -7.87 6.08
CA ALA A 95 -40.06 -8.26 5.27
C ALA A 95 -38.97 -7.19 5.39
N GLY A 96 -39.34 -5.92 5.18
CA GLY A 96 -38.42 -4.76 5.27
C GLY A 96 -37.83 -4.62 6.67
N CYS A 97 -38.63 -4.86 7.71
CA CYS A 97 -38.23 -4.85 9.14
C CYS A 97 -37.20 -5.97 9.39
N LYS A 98 -37.50 -7.19 8.95
CA LYS A 98 -36.61 -8.37 9.10
C LYS A 98 -35.37 -8.19 8.22
N GLY A 99 -35.56 -7.78 6.96
CA GLY A 99 -34.51 -7.62 5.95
C GLY A 99 -33.50 -6.55 6.30
N TYR A 100 -33.97 -5.38 6.78
CA TYR A 100 -33.13 -4.22 7.16
C TYR A 100 -31.99 -4.70 8.05
N TYR A 101 -32.33 -5.33 9.18
CA TYR A 101 -31.40 -5.78 10.24
C TYR A 101 -30.50 -6.90 9.71
N PHE A 102 -31.02 -7.73 8.80
CA PHE A 102 -30.26 -8.81 8.10
C PHE A 102 -29.18 -8.18 7.22
N LEU A 103 -29.58 -7.30 6.30
CA LEU A 103 -28.70 -6.59 5.32
C LEU A 103 -27.70 -5.71 6.09
N ARG A 104 -28.11 -5.13 7.21
CA ARG A 104 -27.24 -4.33 8.11
C ARG A 104 -26.11 -5.23 8.63
N GLU A 105 -26.46 -6.33 9.29
CA GLU A 105 -25.50 -7.25 9.98
C GLU A 105 -24.59 -7.95 8.95
N ALA A 106 -25.13 -8.28 7.77
CA ALA A 106 -24.36 -8.89 6.65
C ALA A 106 -23.20 -7.97 6.25
N CYS A 107 -23.44 -6.66 6.21
CA CYS A 107 -22.48 -5.61 5.75
C CYS A 107 -21.54 -5.19 6.90
N THR A 108 -22.01 -5.23 8.15
CA THR A 108 -21.17 -5.00 9.36
C THR A 108 -20.08 -6.07 9.40
N TYR A 109 -20.44 -7.32 9.09
CA TYR A 109 -19.53 -8.49 8.99
C TYR A 109 -18.60 -8.32 7.79
N ALA A 110 -19.16 -8.37 6.58
CA ALA A 110 -18.43 -8.35 5.28
C ALA A 110 -17.30 -7.32 5.31
N THR A 111 -17.58 -6.11 5.81
CA THR A 111 -16.63 -4.97 5.90
C THR A 111 -15.53 -5.31 6.92
N ALA A 112 -15.93 -5.68 8.15
CA ALA A 112 -15.02 -6.06 9.25
C ALA A 112 -14.06 -7.17 8.79
N LEU A 113 -14.57 -8.17 8.07
CA LEU A 113 -13.82 -9.37 7.62
C LEU A 113 -12.92 -9.02 6.43
N ASN A 114 -13.26 -7.97 5.66
CA ASN A 114 -12.45 -7.48 4.51
C ASN A 114 -11.24 -6.69 5.04
N VAL A 115 -11.44 -5.89 6.09
CA VAL A 115 -10.36 -5.06 6.72
C VAL A 115 -9.28 -5.99 7.29
N VAL A 116 -9.66 -7.17 7.78
CA VAL A 116 -8.71 -8.20 8.31
C VAL A 116 -7.97 -8.83 7.13
N SER A 117 -8.72 -9.34 6.14
CA SER A 117 -8.19 -9.99 4.92
C SER A 117 -7.05 -9.14 4.34
N LEU A 118 -7.25 -7.82 4.29
CA LEU A 118 -6.24 -6.81 3.86
C LEU A 118 -4.96 -6.96 4.69
N SER A 119 -5.08 -6.88 6.02
CA SER A 119 -3.94 -6.90 6.98
C SER A 119 -3.26 -8.28 6.98
N VAL A 120 -4.03 -9.34 6.74
CA VAL A 120 -3.51 -10.74 6.62
C VAL A 120 -2.62 -10.85 5.38
N GLU A 121 -3.04 -10.23 4.26
CA GLU A 121 -2.32 -10.31 2.96
C GLU A 121 -1.09 -9.40 2.98
N LEU A 122 -1.15 -8.26 3.68
CA LEU A 122 0.01 -7.35 3.87
C LEU A 122 1.05 -8.03 4.76
N TYR A 123 0.59 -8.66 5.85
CA TYR A 123 1.43 -9.45 6.79
C TYR A 123 2.16 -10.55 6.00
N LEU A 124 1.39 -11.38 5.27
CA LEU A 124 1.92 -12.49 4.43
C LEU A 124 2.99 -11.97 3.48
N ALA A 125 2.79 -10.79 2.89
CA ALA A 125 3.72 -10.13 1.93
C ALA A 125 5.02 -9.77 2.64
N ILE A 126 4.95 -9.22 3.86
CA ILE A 126 6.11 -8.74 4.66
C ILE A 126 6.76 -9.94 5.38
N CYS A 127 5.96 -10.69 6.16
CA CYS A 127 6.43 -11.79 7.05
C CYS A 127 6.99 -12.96 6.24
N HIS A 128 6.29 -13.36 5.17
CA HIS A 128 6.67 -14.51 4.29
C HIS A 128 6.71 -14.06 2.83
N PRO A 129 7.71 -13.24 2.42
CA PRO A 129 7.78 -12.77 1.04
C PRO A 129 7.87 -13.92 0.02
N PHE A 130 8.78 -14.88 0.26
CA PHE A 130 9.01 -16.07 -0.59
C PHE A 130 7.72 -16.91 -0.67
N LYS A 131 7.08 -17.14 0.47
CA LYS A 131 5.83 -17.96 0.59
C LYS A 131 4.68 -17.26 -0.14
N ALA A 132 4.54 -15.94 0.03
CA ALA A 132 3.47 -15.09 -0.53
C ALA A 132 3.51 -15.11 -2.07
N LYS A 133 4.71 -15.18 -2.65
CA LYS A 133 4.94 -15.23 -4.12
C LYS A 133 4.37 -16.53 -4.70
N THR A 134 4.37 -17.60 -3.92
CA THR A 134 3.88 -18.96 -4.32
C THR A 134 2.43 -19.13 -3.85
N LEU A 135 2.15 -18.85 -2.58
CA LEU A 135 0.84 -19.10 -1.90
C LEU A 135 -0.26 -18.25 -2.53
N MET A 136 -0.08 -16.92 -2.55
CA MET A 136 -1.09 -15.93 -3.01
C MET A 136 -1.30 -16.05 -4.53
N SER A 137 -2.55 -16.26 -4.96
CA SER A 137 -2.98 -16.34 -6.38
C SER A 137 -4.39 -15.75 -6.53
N ARG A 138 -4.73 -15.30 -7.74
CA ARG A 138 -6.02 -14.62 -8.07
C ARG A 138 -7.18 -15.57 -7.78
N SER A 139 -7.13 -16.79 -8.32
CA SER A 139 -8.15 -17.87 -8.14
C SER A 139 -8.37 -18.16 -6.66
N ARG A 140 -7.30 -18.15 -5.86
CA ARG A 140 -7.33 -18.36 -4.38
C ARG A 140 -8.08 -17.19 -3.73
N THR A 141 -7.67 -15.96 -4.02
CA THR A 141 -8.26 -14.70 -3.49
C THR A 141 -9.77 -14.70 -3.76
N LYS A 142 -10.17 -14.98 -5.00
CA LYS A 142 -11.60 -15.06 -5.43
C LYS A 142 -12.39 -15.91 -4.43
N LYS A 143 -11.87 -17.10 -4.09
CA LYS A 143 -12.48 -18.05 -3.13
C LYS A 143 -12.66 -17.36 -1.77
N PHE A 144 -11.62 -16.65 -1.29
CA PHE A 144 -11.60 -15.94 0.03
C PHE A 144 -12.79 -14.97 0.11
N ILE A 145 -13.00 -14.15 -0.92
CA ILE A 145 -14.10 -13.16 -1.01
C ILE A 145 -15.44 -13.91 -0.95
N SER A 146 -15.60 -14.95 -1.78
CA SER A 146 -16.80 -15.82 -1.83
C SER A 146 -17.16 -16.27 -0.41
N ALA A 147 -16.18 -16.82 0.32
CA ALA A 147 -16.30 -17.34 1.69
C ALA A 147 -16.79 -16.23 2.62
N ILE A 148 -16.13 -15.06 2.58
CA ILE A 148 -16.42 -13.89 3.46
C ILE A 148 -17.91 -13.54 3.35
N TRP A 149 -18.40 -13.28 2.13
CA TRP A 149 -19.82 -12.91 1.86
C TRP A 149 -20.75 -14.01 2.37
N LEU A 150 -20.49 -15.26 1.99
CA LEU A 150 -21.32 -16.45 2.34
C LEU A 150 -21.32 -16.64 3.87
N ALA A 151 -20.16 -16.50 4.52
CA ALA A 151 -19.99 -16.56 5.99
C ALA A 151 -20.85 -15.47 6.63
N SER A 152 -20.74 -14.23 6.12
CA SER A 152 -21.45 -13.02 6.60
C SER A 152 -22.97 -13.22 6.49
N ALA A 153 -23.44 -13.69 5.33
CA ALA A 153 -24.86 -13.99 5.05
C ALA A 153 -25.38 -15.02 6.06
N LEU A 154 -24.67 -16.15 6.19
CA LEU A 154 -25.00 -17.26 7.13
C LEU A 154 -25.06 -16.73 8.57
N LEU A 155 -24.13 -15.86 8.95
CA LEU A 155 -23.99 -15.30 10.33
C LEU A 155 -25.08 -14.25 10.61
N ALA A 156 -25.68 -13.68 9.55
CA ALA A 156 -26.69 -12.59 9.63
C ALA A 156 -28.11 -13.16 9.72
N ILE A 157 -28.27 -14.47 9.47
CA ILE A 157 -29.59 -15.18 9.41
C ILE A 157 -30.38 -14.94 10.69
N PRO A 158 -29.77 -15.03 11.90
CA PRO A 158 -30.51 -14.84 13.15
C PRO A 158 -31.42 -13.59 13.18
N MET A 159 -30.99 -12.50 12.54
CA MET A 159 -31.70 -11.19 12.52
C MET A 159 -33.03 -11.31 11.78
N LEU A 160 -33.20 -12.32 10.93
CA LEU A 160 -34.48 -12.63 10.24
C LEU A 160 -35.51 -13.17 11.25
N PHE A 161 -35.03 -13.84 12.31
CA PHE A 161 -35.86 -14.48 13.36
C PHE A 161 -35.97 -13.59 14.61
N THR A 162 -34.87 -12.93 15.01
CA THR A 162 -34.79 -12.13 16.25
C THR A 162 -35.59 -10.82 16.10
N MET A 163 -35.65 -10.25 14.89
CA MET A 163 -36.34 -8.96 14.61
C MET A 163 -37.65 -9.22 13.84
N GLY A 164 -38.71 -8.49 14.20
CA GLY A 164 -40.04 -8.58 13.56
C GLY A 164 -40.97 -7.47 14.03
N LEU A 165 -41.99 -7.14 13.23
CA LEU A 165 -42.96 -6.06 13.53
C LEU A 165 -43.84 -6.45 14.71
N GLN A 166 -44.19 -5.48 15.56
CA GLN A 166 -45.17 -5.61 16.67
C GLN A 166 -46.04 -4.33 16.71
N ASN A 167 -47.31 -4.48 17.09
CA ASN A 167 -48.31 -3.38 17.13
C ASN A 167 -48.38 -2.81 18.55
N LEU A 168 -47.86 -1.60 18.74
CA LEU A 168 -47.90 -0.86 20.03
C LEU A 168 -49.22 -0.10 20.14
N SER A 169 -49.56 0.67 19.11
CA SER A 169 -50.83 1.46 19.00
C SER A 169 -51.96 0.54 18.53
N GLY A 176 -52.42 2.71 12.30
CA GLY A 176 -51.70 1.55 12.87
C GLY A 176 -50.27 1.91 13.25
N GLY A 177 -49.96 1.86 14.55
CA GLY A 177 -48.63 2.20 15.11
C GLY A 177 -47.74 0.96 15.26
N LEU A 178 -47.47 0.28 14.15
CA LEU A 178 -46.61 -0.94 14.09
C LEU A 178 -45.14 -0.50 14.04
N VAL A 179 -44.30 -1.09 14.90
CA VAL A 179 -42.86 -0.72 15.07
C VAL A 179 -41.99 -1.97 14.91
N CYS A 180 -40.80 -1.81 14.34
CA CYS A 180 -39.80 -2.90 14.10
C CYS A 180 -38.93 -3.08 15.35
N THR A 181 -39.32 -4.01 16.24
CA THR A 181 -38.73 -4.24 17.58
C THR A 181 -38.46 -5.73 17.74
N PRO A 182 -37.42 -6.16 18.51
CA PRO A 182 -37.07 -7.57 18.64
C PRO A 182 -38.24 -8.44 19.12
N ILE A 183 -38.42 -9.60 18.49
CA ILE A 183 -39.51 -10.59 18.79
C ILE A 183 -39.06 -11.47 19.96
N VAL A 184 -37.79 -11.87 20.00
CA VAL A 184 -37.21 -12.80 21.01
C VAL A 184 -37.07 -12.09 22.37
N ASP A 185 -36.63 -12.82 23.39
CA ASP A 185 -36.45 -12.33 24.79
C ASP A 185 -35.04 -11.71 24.94
N THR A 186 -34.84 -10.95 26.02
CA THR A 186 -33.62 -10.14 26.30
C THR A 186 -32.39 -11.04 26.36
N ALA A 187 -32.48 -12.18 27.06
CA ALA A 187 -31.39 -13.17 27.24
C ALA A 187 -30.98 -13.76 25.88
N THR A 188 -31.98 -14.12 25.06
CA THR A 188 -31.79 -14.59 23.65
C THR A 188 -31.16 -13.45 22.82
N LEU A 189 -31.71 -12.25 22.94
CA LEU A 189 -31.28 -11.03 22.19
C LEU A 189 -29.86 -10.63 22.63
N ARG A 190 -29.53 -10.80 23.91
CA ARG A 190 -28.20 -10.46 24.48
C ARG A 190 -27.13 -11.36 23.86
N VAL A 191 -27.44 -12.64 23.61
CA VAL A 191 -26.50 -13.66 23.07
C VAL A 191 -26.12 -13.30 21.63
N VAL A 192 -27.11 -13.08 20.76
CA VAL A 192 -26.91 -12.81 19.31
C VAL A 192 -26.09 -11.51 19.15
N ILE A 193 -26.39 -10.48 19.93
CA ILE A 193 -25.71 -9.15 19.89
C ILE A 193 -24.27 -9.31 20.43
N GLN A 194 -24.11 -9.99 21.57
CA GLN A 194 -22.79 -10.31 22.16
C GLN A 194 -21.95 -11.08 21.12
N LEU A 195 -22.56 -12.04 20.43
CA LEU A 195 -21.93 -12.85 19.34
C LEU A 195 -21.46 -11.91 18.23
N ASN A 196 -22.40 -11.14 17.66
CA ASN A 196 -22.16 -10.18 16.54
C ASN A 196 -20.95 -9.29 16.86
N THR A 197 -20.93 -8.69 18.05
CA THR A 197 -19.91 -7.70 18.48
C THR A 197 -18.52 -8.33 18.42
N PHE A 198 -18.32 -9.48 19.08
CA PHE A 198 -17.01 -10.19 19.14
C PHE A 198 -16.63 -10.68 17.74
N MET A 199 -17.56 -11.36 17.06
CA MET A 199 -17.35 -12.00 15.73
C MET A 199 -17.04 -10.94 14.67
N SER A 200 -17.78 -9.83 14.66
CA SER A 200 -17.78 -8.81 13.57
C SER A 200 -17.12 -7.50 14.03
N PHE A 201 -16.29 -7.52 15.08
CA PHE A 201 -15.52 -6.33 15.53
C PHE A 201 -14.28 -6.74 16.33
N LEU A 202 -14.44 -7.16 17.59
CA LEU A 202 -13.32 -7.39 18.54
C LEU A 202 -12.32 -8.38 17.92
N PHE A 203 -12.79 -9.57 17.54
CA PHE A 203 -11.98 -10.65 16.92
C PHE A 203 -11.23 -10.08 15.73
N PRO A 204 -11.92 -9.52 14.71
CA PRO A 204 -11.25 -8.81 13.61
C PRO A 204 -10.22 -7.76 14.04
N MET A 205 -10.61 -6.84 14.92
CA MET A 205 -9.81 -5.63 15.27
C MET A 205 -8.54 -6.03 16.04
N LEU A 206 -8.64 -7.00 16.95
CA LEU A 206 -7.45 -7.61 17.62
C LEU A 206 -6.48 -8.10 16.54
N VAL A 207 -6.95 -9.02 15.69
CA VAL A 207 -6.14 -9.66 14.62
C VAL A 207 -5.53 -8.56 13.73
N ALA A 208 -6.39 -7.73 13.13
CA ALA A 208 -6.03 -6.63 12.20
C ALA A 208 -4.93 -5.76 12.84
N SER A 209 -5.16 -5.29 14.07
CA SER A 209 -4.23 -4.39 14.81
C SER A 209 -2.87 -5.08 15.00
N ILE A 210 -2.86 -6.26 15.60
CA ILE A 210 -1.62 -7.00 15.99
C ILE A 210 -0.84 -7.36 14.71
N LEU A 211 -1.51 -7.95 13.72
CA LEU A 211 -0.90 -8.30 12.40
C LEU A 211 -0.19 -7.07 11.82
N ASN A 212 -0.87 -5.92 11.81
CA ASN A 212 -0.34 -4.63 11.28
C ASN A 212 0.83 -4.16 12.17
N THR A 213 0.73 -4.38 13.49
CA THR A 213 1.80 -4.03 14.47
C THR A 213 3.03 -4.92 14.23
N VAL A 214 2.80 -6.22 14.07
CA VAL A 214 3.87 -7.24 13.78
C VAL A 214 4.52 -6.89 12.44
N ALA A 215 3.71 -6.64 11.41
CA ALA A 215 4.13 -6.31 10.03
C ALA A 215 5.05 -5.08 10.05
N ALA A 216 4.63 -4.01 10.72
CA ALA A 216 5.39 -2.74 10.88
C ALA A 216 6.74 -3.02 11.53
N ARG A 217 6.74 -3.77 12.64
CA ARG A 217 7.95 -4.22 13.37
C ARG A 217 8.84 -5.01 12.41
N ARG A 218 8.30 -6.08 11.81
CA ARG A 218 8.99 -6.99 10.87
C ARG A 218 9.62 -6.18 9.73
N LEU A 219 8.83 -5.28 9.13
CA LEU A 219 9.23 -4.44 7.96
C LEU A 219 10.39 -3.51 8.34
N THR A 220 10.31 -2.88 9.53
CA THR A 220 11.30 -1.89 10.03
C THR A 220 12.70 -2.52 10.09
N VAL A 221 12.77 -3.84 10.35
CA VAL A 221 14.03 -4.64 10.33
C VAL A 221 14.62 -4.58 8.91
N MET A 222 13.82 -4.92 7.89
CA MET A 222 14.20 -4.94 6.46
C MET A 222 14.64 -3.53 6.03
N VAL A 223 13.89 -2.50 6.42
CA VAL A 223 14.16 -1.06 6.10
C VAL A 223 15.55 -0.70 6.65
N HIS A 224 15.78 -0.94 7.94
CA HIS A 224 17.05 -0.62 8.66
C HIS A 224 18.21 -1.46 8.10
N GLN A 225 17.95 -2.70 7.70
CA GLN A 225 18.96 -3.66 7.17
C GLN A 225 19.61 -3.10 5.90
N ALA A 226 18.84 -2.35 5.10
CA ALA A 226 19.32 -1.68 3.86
C ALA A 226 20.07 -0.40 4.23
N ALA A 227 21.28 -0.56 4.80
CA ALA A 227 22.19 0.54 5.19
C ALA A 227 23.55 0.32 4.53
N PHE A 228 24.11 1.40 3.97
CA PHE A 228 25.46 1.39 3.39
C PHE A 228 25.46 0.57 2.09
N ASN A 229 25.14 -0.72 2.17
CA ASN A 229 25.19 -1.69 1.05
C ASN A 229 24.50 -1.11 -0.20
N MET A 230 23.29 -0.55 -0.05
CA MET A 230 22.54 0.07 -1.18
C MET A 230 22.14 1.50 -0.81
N THR A 231 22.50 2.47 -1.66
CA THR A 231 22.18 3.91 -1.54
C THR A 231 20.66 4.10 -1.63
N ILE A 232 20.02 3.41 -2.58
CA ILE A 232 18.55 3.46 -2.85
C ILE A 232 17.91 2.14 -2.40
N GLU A 233 16.95 2.20 -1.47
CA GLU A 233 16.20 1.03 -0.95
C GLU A 233 15.24 0.53 -2.04
N PRO A 234 14.93 -0.79 -2.08
CA PRO A 234 14.08 -1.34 -3.14
C PRO A 234 12.65 -0.79 -3.14
N GLY A 235 12.00 -0.81 -4.30
CA GLY A 235 10.61 -0.35 -4.49
C GLY A 235 9.64 -1.08 -3.59
N ARG A 236 9.77 -2.42 -3.51
CA ARG A 236 8.93 -3.32 -2.68
C ARG A 236 8.90 -2.82 -1.23
N VAL A 237 10.08 -2.52 -0.67
CA VAL A 237 10.25 -2.02 0.72
C VAL A 237 9.48 -0.70 0.86
N GLN A 238 9.68 0.22 -0.09
CA GLN A 238 9.02 1.56 -0.14
C GLN A 238 7.51 1.38 -0.33
N ALA A 239 7.11 0.40 -1.15
CA ALA A 239 5.70 0.04 -1.43
C ALA A 239 5.05 -0.50 -0.15
N LEU A 240 5.66 -1.52 0.47
CA LEU A 240 5.16 -2.17 1.71
C LEU A 240 5.12 -1.14 2.84
N ARG A 241 6.14 -0.27 2.94
CA ARG A 241 6.24 0.82 3.94
C ARG A 241 5.05 1.77 3.77
N ARG A 242 4.66 2.06 2.51
CA ARG A 242 3.47 2.87 2.16
C ARG A 242 2.21 2.09 2.55
N GLY A 243 2.16 0.79 2.23
CA GLY A 243 1.03 -0.12 2.54
C GLY A 243 0.72 -0.15 4.03
N VAL A 244 1.75 -0.23 4.87
CA VAL A 244 1.65 -0.23 6.37
C VAL A 244 0.90 1.04 6.80
N LEU A 245 1.39 2.21 6.37
CA LEU A 245 0.82 3.54 6.71
C LEU A 245 -0.68 3.56 6.39
N VAL A 246 -1.06 3.06 5.21
CA VAL A 246 -2.47 3.04 4.71
C VAL A 246 -3.30 2.14 5.63
N LEU A 247 -2.89 0.88 5.80
CA LEU A 247 -3.67 -0.14 6.57
C LEU A 247 -3.69 0.23 8.06
N ARG A 248 -2.71 1.01 8.54
CA ARG A 248 -2.75 1.62 9.89
C ARG A 248 -3.95 2.57 9.97
N ALA A 249 -4.11 3.44 8.96
CA ALA A 249 -5.23 4.39 8.83
C ALA A 249 -6.55 3.61 8.73
N VAL A 250 -6.57 2.51 7.97
CA VAL A 250 -7.76 1.64 7.78
C VAL A 250 -8.22 1.13 9.15
N VAL A 251 -7.29 0.59 9.95
CA VAL A 251 -7.56 0.02 11.31
C VAL A 251 -8.13 1.12 12.21
N ILE A 252 -7.41 2.24 12.35
CA ILE A 252 -7.79 3.39 13.22
C ILE A 252 -9.14 3.93 12.75
N ALA A 253 -9.34 4.05 11.43
CA ALA A 253 -10.59 4.54 10.80
C ALA A 253 -11.76 3.63 11.20
N PHE A 254 -11.64 2.33 10.95
CA PHE A 254 -12.70 1.31 11.18
C PHE A 254 -13.09 1.28 12.67
N VAL A 255 -12.09 1.29 13.57
CA VAL A 255 -12.29 1.27 15.04
C VAL A 255 -13.18 2.47 15.42
N VAL A 256 -12.72 3.69 15.11
CA VAL A 256 -13.34 4.98 15.52
C VAL A 256 -14.78 5.06 14.99
N CYS A 257 -15.02 4.60 13.76
CA CYS A 257 -16.34 4.63 13.09
C CYS A 257 -17.32 3.63 13.74
N TRP A 258 -16.83 2.43 14.06
CA TRP A 258 -17.67 1.25 14.42
C TRP A 258 -17.74 1.04 15.94
N LEU A 259 -16.77 1.53 16.71
CA LEU A 259 -16.74 1.36 18.19
C LEU A 259 -18.03 1.91 18.79
N PRO A 260 -18.42 3.19 18.52
CA PRO A 260 -19.60 3.78 19.16
C PRO A 260 -20.90 3.00 18.89
N TYR A 261 -21.04 2.50 17.66
CA TYR A 261 -22.23 1.74 17.17
C TYR A 261 -22.36 0.42 17.96
N HIS A 262 -21.28 -0.36 18.06
CA HIS A 262 -21.24 -1.65 18.78
C HIS A 262 -21.56 -1.42 20.27
N VAL A 263 -20.96 -0.38 20.86
CA VAL A 263 -21.18 0.03 22.29
C VAL A 263 -22.67 0.29 22.50
N ARG A 264 -23.28 1.11 21.63
CA ARG A 264 -24.72 1.48 21.71
C ARG A 264 -25.56 0.20 21.73
N ARG A 265 -25.33 -0.71 20.78
CA ARG A 265 -26.05 -2.01 20.66
C ARG A 265 -25.90 -2.80 21.97
N LEU A 266 -24.68 -2.95 22.48
CA LEU A 266 -24.38 -3.70 23.72
C LEU A 266 -25.03 -3.00 24.92
N MET A 267 -24.83 -1.69 25.05
CA MET A 267 -25.44 -0.86 26.14
C MET A 267 -26.96 -1.08 26.14
N PHE A 268 -27.58 -1.06 24.97
CA PHE A 268 -29.05 -1.24 24.77
C PHE A 268 -29.53 -2.41 25.62
N VAL A 269 -29.02 -3.62 25.33
CA VAL A 269 -29.48 -4.90 25.93
C VAL A 269 -29.07 -4.97 27.42
N TYR A 270 -27.84 -4.55 27.76
CA TYR A 270 -27.27 -4.70 29.13
C TYR A 270 -27.86 -3.64 30.06
N ILE A 271 -28.22 -2.46 29.54
CA ILE A 271 -28.83 -1.34 30.33
C ILE A 271 -30.36 -1.41 30.23
N SER A 272 -30.92 -2.45 29.59
CA SER A 272 -32.38 -2.67 29.46
C SER A 272 -32.90 -3.42 30.70
N ASP A 273 -32.96 -2.74 31.85
CA ASP A 273 -33.50 -3.28 33.13
C ASP A 273 -34.75 -2.49 33.53
N GLU A 274 -35.24 -1.59 32.67
CA GLU A 274 -36.40 -0.68 32.92
C GLU A 274 -35.99 0.40 33.95
N GLN A 275 -34.73 0.36 34.39
CA GLN A 275 -34.08 1.36 35.28
C GLN A 275 -33.97 2.72 34.55
N TRP A 276 -33.59 2.71 33.27
CA TRP A 276 -33.31 3.92 32.46
C TRP A 276 -34.45 4.95 32.58
N THR A 277 -34.08 6.15 33.04
CA THR A 277 -34.93 7.34 33.28
C THR A 277 -35.13 8.11 31.97
N THR A 278 -35.82 9.27 32.03
CA THR A 278 -35.98 10.24 30.92
C THR A 278 -34.69 11.06 30.79
N ALA A 279 -33.59 10.39 30.44
CA ALA A 279 -32.22 10.96 30.33
C ALA A 279 -31.31 9.93 29.64
N LEU A 280 -31.38 8.67 30.07
CA LEU A 280 -30.79 7.51 29.34
C LEU A 280 -31.46 7.38 27.97
N PHE A 281 -32.79 7.55 27.91
CA PHE A 281 -33.59 7.55 26.66
C PHE A 281 -33.16 8.72 25.78
N ASP A 282 -33.07 9.92 26.37
CA ASP A 282 -32.63 11.17 25.68
C ASP A 282 -31.20 10.98 25.15
N PHE A 283 -30.28 10.55 26.02
CA PHE A 283 -28.85 10.24 25.69
C PHE A 283 -28.79 9.27 24.51
N TYR A 284 -29.57 8.18 24.57
CA TYR A 284 -29.63 7.13 23.52
C TYR A 284 -30.09 7.74 22.19
N HIS A 285 -31.08 8.63 22.25
CA HIS A 285 -31.67 9.32 21.05
C HIS A 285 -30.55 10.00 20.25
N TYR A 286 -29.72 10.82 20.91
CA TYR A 286 -28.57 11.53 20.30
C TYR A 286 -27.46 10.54 19.95
N PHE A 287 -27.11 9.66 20.89
CA PHE A 287 -26.02 8.66 20.75
C PHE A 287 -26.29 7.77 19.53
N TYR A 288 -27.57 7.41 19.31
CA TYR A 288 -28.02 6.64 18.12
C TYR A 288 -27.62 7.40 16.85
N MET A 289 -28.03 8.67 16.75
CA MET A 289 -27.75 9.57 15.59
C MET A 289 -26.24 9.63 15.33
N LEU A 290 -25.46 9.90 16.38
CA LEU A 290 -23.98 10.05 16.33
C LEU A 290 -23.33 8.74 15.88
N SER A 291 -23.71 7.62 16.51
CA SER A 291 -23.12 6.27 16.30
C SER A 291 -23.38 5.77 14.87
N ASN A 292 -24.62 5.92 14.38
CA ASN A 292 -25.03 5.53 12.99
C ASN A 292 -24.34 6.43 11.98
N ALA A 293 -24.30 7.73 12.24
CA ALA A 293 -23.68 8.76 11.35
C ALA A 293 -22.23 8.36 11.03
N LEU A 294 -21.50 7.81 12.02
CA LEU A 294 -20.09 7.38 11.86
C LEU A 294 -20.02 6.06 11.07
N VAL A 295 -21.02 5.18 11.19
CA VAL A 295 -21.12 3.91 10.41
C VAL A 295 -21.20 4.25 8.91
N TYR A 296 -22.00 5.26 8.54
CA TYR A 296 -22.17 5.74 7.15
C TYR A 296 -20.90 6.48 6.70
N VAL A 297 -20.24 7.19 7.61
CA VAL A 297 -18.94 7.88 7.36
C VAL A 297 -17.90 6.85 6.94
N SER A 298 -17.83 5.70 7.64
CA SER A 298 -16.95 4.55 7.31
C SER A 298 -17.15 4.15 5.85
N ALA A 299 -18.40 3.93 5.45
CA ALA A 299 -18.82 3.56 4.08
C ALA A 299 -18.46 4.69 3.11
N ALA A 300 -18.75 5.94 3.50
CA ALA A 300 -18.56 7.16 2.69
C ALA A 300 -17.08 7.45 2.47
N ILE A 301 -16.20 7.02 3.39
CA ILE A 301 -14.72 7.23 3.32
C ILE A 301 -14.12 6.21 2.33
N ASN A 302 -14.68 5.01 2.25
CA ASN A 302 -14.10 3.85 1.52
C ASN A 302 -13.37 4.30 0.25
N PRO A 303 -14.02 5.05 -0.68
CA PRO A 303 -13.37 5.41 -1.95
C PRO A 303 -12.02 6.14 -1.79
N ILE A 304 -11.77 6.77 -0.64
CA ILE A 304 -10.45 7.38 -0.30
C ILE A 304 -9.41 6.25 -0.23
N LEU A 305 -9.72 5.18 0.52
CA LEU A 305 -8.85 3.98 0.68
C LEU A 305 -8.55 3.38 -0.70
N TYR A 306 -9.55 3.33 -1.59
CA TYR A 306 -9.40 2.86 -2.99
C TYR A 306 -8.39 3.77 -3.72
N ASN A 307 -8.54 5.09 -3.57
CA ASN A 307 -7.67 6.10 -4.22
C ASN A 307 -6.23 5.96 -3.70
N LEU A 308 -6.07 5.69 -2.40
CA LEU A 308 -4.74 5.52 -1.72
C LEU A 308 -4.06 4.23 -2.21
N ALA A 309 -4.81 3.13 -2.28
CA ALA A 309 -4.32 1.79 -2.68
C ALA A 309 -3.87 1.82 -4.15
N GLU A 310 -4.72 2.33 -5.04
CA GLU A 310 -4.48 2.40 -6.51
C GLU A 310 -3.30 3.35 -6.78
N ASP A 311 -3.25 4.50 -6.09
CA ASP A 311 -2.15 5.50 -6.17
C ASP A 311 -0.82 4.82 -5.83
N LEU A 312 -0.83 3.86 -4.89
CA LEU A 312 0.36 3.11 -4.42
C LEU A 312 0.76 2.07 -5.48
N VAL A 313 -0.17 1.18 -5.84
CA VAL A 313 0.07 0.06 -6.80
C VAL A 313 0.52 0.64 -8.15
N GLU A 314 -0.13 1.71 -8.61
CA GLU A 314 0.24 2.44 -9.86
C GLU A 314 1.70 2.87 -9.78
N ASP A 315 2.08 3.56 -8.70
CA ASP A 315 3.46 4.08 -8.47
C ASP A 315 4.45 2.91 -8.44
N TRP A 316 4.05 1.76 -7.88
CA TRP A 316 4.87 0.53 -7.83
C TRP A 316 5.04 -0.06 -9.24
N GLU A 317 3.95 -0.12 -10.01
CA GLU A 317 3.92 -0.71 -11.38
C GLU A 317 4.75 0.16 -12.34
N LYS A 318 4.68 1.50 -12.20
CA LYS A 318 5.50 2.48 -12.96
C LYS A 318 6.99 2.15 -12.78
N ALA A 319 7.44 2.13 -11.52
CA ALA A 319 8.83 1.82 -11.12
C ALA A 319 9.23 0.44 -11.63
N ARG A 320 8.41 -0.58 -11.35
CA ARG A 320 8.61 -1.98 -11.79
C ARG A 320 8.84 -2.00 -13.32
N LYS A 321 7.99 -1.28 -14.07
CA LYS A 321 8.07 -1.16 -15.55
C LYS A 321 9.35 -0.44 -15.96
N LEU A 322 9.70 0.64 -15.24
CA LEU A 322 10.87 1.51 -15.54
C LEU A 322 12.16 0.67 -15.54
N LEU A 323 12.33 -0.21 -14.55
CA LEU A 323 13.51 -1.10 -14.42
C LEU A 323 13.56 -2.05 -15.63
N GLU A 324 12.42 -2.65 -15.98
CA GLU A 324 12.27 -3.54 -17.17
C GLU A 324 12.61 -2.74 -18.43
N ALA A 325 11.95 -1.58 -18.62
CA ALA A 325 12.06 -0.71 -19.81
C ALA A 325 13.49 -0.20 -19.99
N ALA A 326 14.10 0.31 -18.92
CA ALA A 326 15.48 0.87 -18.90
C ALA A 326 16.49 -0.22 -19.30
N ARG A 327 16.29 -1.45 -18.81
CA ARG A 327 17.09 -2.65 -19.19
C ARG A 327 16.80 -3.00 -20.66
N LYS A 328 15.51 -3.04 -21.03
CA LYS A 328 15.01 -3.40 -22.38
C LYS A 328 15.70 -2.55 -23.45
N GLY A 329 15.84 -1.25 -23.19
CA GLY A 329 16.45 -0.27 -24.13
C GLY A 329 15.40 0.44 -24.96
N GLN A 330 14.17 0.51 -24.47
CA GLN A 330 13.02 1.19 -25.13
C GLN A 330 12.92 2.63 -24.59
N ASP A 331 13.68 3.55 -25.19
CA ASP A 331 13.83 4.97 -24.75
C ASP A 331 12.46 5.63 -24.65
N ASP A 332 11.57 5.36 -25.62
CA ASP A 332 10.20 5.97 -25.71
C ASP A 332 9.43 5.70 -24.42
N GLU A 333 9.38 4.43 -23.99
CA GLU A 333 8.63 3.98 -22.79
C GLU A 333 9.15 4.72 -21.55
N VAL A 334 10.48 4.81 -21.40
CA VAL A 334 11.18 5.42 -20.22
C VAL A 334 10.70 6.87 -20.06
N ARG A 335 10.79 7.67 -21.11
CA ARG A 335 10.35 9.10 -21.13
C ARG A 335 8.88 9.17 -20.72
N ILE A 336 8.06 8.27 -21.24
CA ILE A 336 6.58 8.17 -20.97
C ILE A 336 6.36 7.96 -19.46
N LEU A 337 7.00 6.93 -18.88
CA LEU A 337 6.87 6.55 -17.45
C LEU A 337 7.31 7.73 -16.57
N LEU A 338 8.55 8.21 -16.78
CA LEU A 338 9.13 9.36 -16.04
C LEU A 338 8.15 10.54 -16.07
N ALA A 339 7.61 10.85 -17.25
CA ALA A 339 6.68 11.98 -17.50
C ALA A 339 5.47 11.88 -16.55
N ASN A 340 4.87 10.69 -16.45
CA ASN A 340 3.67 10.44 -15.59
C ASN A 340 4.02 10.72 -14.13
N GLY A 341 5.20 10.28 -13.68
CA GLY A 341 5.71 10.50 -12.31
C GLY A 341 6.26 9.23 -11.69
N ALA A 342 7.01 8.44 -12.46
CA ALA A 342 7.71 7.22 -12.01
C ALA A 342 8.95 7.63 -11.21
N ASP A 343 9.45 6.77 -10.33
CA ASP A 343 10.64 7.03 -9.49
C ASP A 343 11.90 6.65 -10.29
N VAL A 344 12.72 7.66 -10.62
CA VAL A 344 14.00 7.51 -11.38
C VAL A 344 15.05 6.86 -10.47
N ASN A 345 14.96 7.13 -9.16
CA ASN A 345 15.91 6.61 -8.13
C ASN A 345 15.29 5.37 -7.44
N THR A 346 14.51 4.58 -8.18
CA THR A 346 13.97 3.27 -7.75
C THR A 346 15.11 2.24 -7.83
N ALA A 347 14.93 1.07 -7.20
CA ALA A 347 15.94 -0.02 -7.16
C ALA A 347 15.23 -1.37 -7.00
N ASP A 348 15.81 -2.43 -7.58
CA ASP A 348 15.32 -3.83 -7.46
C ASP A 348 15.93 -4.45 -6.19
N GLU A 349 15.64 -5.73 -5.93
CA GLU A 349 16.11 -6.49 -4.74
C GLU A 349 17.63 -6.33 -4.55
N THR A 350 18.38 -6.29 -5.65
CA THR A 350 19.87 -6.18 -5.69
C THR A 350 20.32 -4.78 -5.25
N GLY A 351 19.47 -3.76 -5.40
CA GLY A 351 19.80 -2.35 -5.18
C GLY A 351 20.16 -1.63 -6.48
N PHE A 352 20.04 -2.35 -7.61
CA PHE A 352 20.29 -1.84 -8.99
C PHE A 352 19.24 -0.76 -9.32
N THR A 353 19.70 0.49 -9.49
CA THR A 353 18.86 1.63 -9.96
C THR A 353 18.65 1.47 -11.46
N PRO A 354 17.73 2.24 -12.09
CA PRO A 354 17.54 2.18 -13.54
C PRO A 354 18.82 2.56 -14.32
N LEU A 355 19.62 3.47 -13.76
CA LEU A 355 20.87 4.00 -14.38
C LEU A 355 21.89 2.85 -14.50
N HIS A 356 21.99 2.00 -13.48
CA HIS A 356 22.85 0.79 -13.46
C HIS A 356 22.53 -0.09 -14.68
N LEU A 357 21.24 -0.38 -14.89
CA LEU A 357 20.73 -1.28 -15.94
C LEU A 357 21.02 -0.69 -17.32
N ALA A 358 20.76 0.61 -17.49
CA ALA A 358 20.99 1.37 -18.75
C ALA A 358 22.47 1.37 -19.08
N ALA A 359 23.32 1.69 -18.10
CA ALA A 359 24.81 1.78 -18.22
C ALA A 359 25.39 0.38 -18.47
N TRP A 360 24.86 -0.64 -17.80
CA TRP A 360 25.27 -2.06 -17.95
C TRP A 360 24.96 -2.54 -19.38
N GLU A 361 23.67 -2.55 -19.75
CA GLU A 361 23.19 -3.00 -21.09
C GLU A 361 23.76 -2.08 -22.19
N GLY A 362 24.00 -0.81 -21.88
CA GLY A 362 24.61 0.18 -22.78
C GLY A 362 23.57 0.84 -23.68
N HIS A 363 22.77 1.75 -23.11
CA HIS A 363 21.71 2.52 -23.79
C HIS A 363 21.88 4.01 -23.47
N LEU A 364 22.90 4.65 -24.06
CA LEU A 364 23.28 6.07 -23.83
C LEU A 364 22.03 6.96 -23.86
N GLY A 365 21.20 6.80 -24.90
CA GLY A 365 19.94 7.55 -25.09
C GLY A 365 19.17 7.68 -23.78
N ILE A 366 18.86 6.53 -23.16
CA ILE A 366 18.12 6.42 -21.86
C ILE A 366 18.95 7.08 -20.75
N VAL A 367 20.23 6.71 -20.63
CA VAL A 367 21.18 7.19 -19.57
C VAL A 367 21.14 8.72 -19.51
N GLU A 368 21.14 9.38 -20.68
CA GLU A 368 21.10 10.86 -20.81
C GLU A 368 19.80 11.41 -20.25
N VAL A 369 18.70 10.66 -20.38
CA VAL A 369 17.33 11.08 -19.92
C VAL A 369 17.28 10.98 -18.39
N LEU A 370 17.68 9.83 -17.84
CA LEU A 370 17.61 9.49 -16.39
C LEU A 370 18.35 10.56 -15.58
N LEU A 371 19.54 10.96 -16.05
CA LEU A 371 20.39 12.00 -15.42
C LEU A 371 19.71 13.37 -15.52
N LYS A 372 19.06 13.65 -16.64
CA LYS A 372 18.33 14.93 -16.91
C LYS A 372 17.17 15.09 -15.92
N ASN A 373 16.47 13.99 -15.61
CA ASN A 373 15.29 13.96 -14.70
C ASN A 373 15.76 14.00 -13.24
N GLY A 374 16.98 13.51 -12.96
CA GLY A 374 17.62 13.58 -11.64
C GLY A 374 17.88 12.20 -11.04
N ALA A 375 18.59 11.35 -11.77
CA ALA A 375 19.07 10.03 -11.30
C ALA A 375 20.31 10.25 -10.44
N ASP A 376 20.44 9.50 -9.34
CA ASP A 376 21.64 9.52 -8.45
C ASP A 376 22.80 8.87 -9.21
N VAL A 377 23.67 9.71 -9.79
CA VAL A 377 24.86 9.29 -10.59
C VAL A 377 25.85 8.56 -9.65
N ASN A 378 25.87 8.94 -8.38
CA ASN A 378 26.69 8.32 -7.31
C ASN A 378 25.80 7.39 -6.47
N ALA A 379 25.40 6.25 -7.05
CA ALA A 379 24.48 5.26 -6.44
C ALA A 379 25.19 3.91 -6.30
N ASN A 380 25.43 3.47 -5.06
CA ASN A 380 26.08 2.17 -4.74
C ASN A 380 24.99 1.10 -4.60
N ASP A 381 25.12 -0.02 -5.33
CA ASP A 381 24.25 -1.21 -5.23
C ASP A 381 24.81 -2.13 -4.14
N GLU A 382 24.18 -3.29 -3.92
CA GLU A 382 24.58 -4.31 -2.92
C GLU A 382 26.10 -4.46 -2.89
N ARG A 383 26.71 -4.74 -4.06
CA ARG A 383 28.17 -4.97 -4.24
C ARG A 383 28.95 -3.66 -4.13
N GLY A 384 28.29 -2.51 -4.24
CA GLY A 384 28.90 -1.17 -4.13
C GLY A 384 29.27 -0.60 -5.49
N HIS A 385 28.91 -1.32 -6.57
CA HIS A 385 29.17 -0.91 -7.97
C HIS A 385 28.28 0.28 -8.34
N THR A 386 28.87 1.44 -8.59
CA THR A 386 28.19 2.65 -9.12
C THR A 386 27.87 2.41 -10.60
N PRO A 387 27.14 3.33 -11.28
CA PRO A 387 26.91 3.21 -12.73
C PRO A 387 28.19 3.26 -13.56
N LEU A 388 29.23 3.93 -13.06
CA LEU A 388 30.53 4.13 -13.75
C LEU A 388 31.32 2.81 -13.78
N HIS A 389 31.26 2.02 -12.70
CA HIS A 389 31.82 0.65 -12.61
C HIS A 389 31.27 -0.22 -13.75
N LEU A 390 29.95 -0.17 -13.94
CA LEU A 390 29.20 -1.00 -14.93
C LEU A 390 29.51 -0.52 -16.35
N ALA A 391 29.74 0.78 -16.53
CA ALA A 391 30.10 1.42 -17.82
C ALA A 391 31.52 1.01 -18.24
N ALA A 392 32.44 0.95 -17.28
CA ALA A 392 33.87 0.60 -17.49
C ALA A 392 34.00 -0.91 -17.70
N TYR A 393 33.41 -1.72 -16.82
CA TYR A 393 33.44 -3.21 -16.83
C TYR A 393 33.10 -3.71 -18.24
N THR A 394 31.97 -3.25 -18.79
CA THR A 394 31.50 -3.56 -20.17
C THR A 394 32.41 -2.87 -21.18
N GLY A 395 32.29 -1.54 -21.30
CA GLY A 395 33.16 -0.71 -22.16
C GLY A 395 32.37 0.23 -23.05
N HIS A 396 31.72 1.24 -22.45
CA HIS A 396 30.95 2.29 -23.16
C HIS A 396 31.64 3.64 -22.97
N LEU A 397 32.63 3.93 -23.83
CA LEU A 397 33.47 5.16 -23.79
C LEU A 397 32.57 6.41 -23.83
N GLU A 398 31.42 6.32 -24.50
CA GLU A 398 30.41 7.42 -24.60
C GLU A 398 29.76 7.63 -23.23
N ILE A 399 29.23 6.56 -22.63
CA ILE A 399 28.44 6.60 -21.36
C ILE A 399 29.35 7.08 -20.23
N VAL A 400 30.59 6.59 -20.16
CA VAL A 400 31.62 6.97 -19.14
C VAL A 400 31.75 8.49 -19.15
N GLU A 401 32.05 9.07 -20.33
CA GLU A 401 32.27 10.53 -20.54
C GLU A 401 31.06 11.33 -20.01
N VAL A 402 29.84 10.83 -20.25
CA VAL A 402 28.56 11.46 -19.83
C VAL A 402 28.47 11.49 -18.30
N LEU A 403 28.52 10.31 -17.67
CA LEU A 403 28.40 10.11 -16.20
C LEU A 403 29.28 11.12 -15.47
N LEU A 404 30.50 11.34 -15.95
CA LEU A 404 31.51 12.25 -15.34
C LEU A 404 31.08 13.72 -15.52
N LYS A 405 30.49 14.05 -16.67
CA LYS A 405 29.94 15.41 -16.96
C LYS A 405 28.90 15.77 -15.89
N ASN A 406 28.07 14.79 -15.50
CA ASN A 406 27.01 14.94 -14.48
C ASN A 406 27.67 15.08 -13.09
N GLY A 407 28.72 14.29 -12.85
CA GLY A 407 29.54 14.36 -11.63
C GLY A 407 29.61 13.03 -10.90
N ALA A 408 29.76 11.93 -11.63
CA ALA A 408 30.04 10.58 -11.06
C ALA A 408 31.41 10.62 -10.38
N GLY A 409 31.51 10.04 -9.17
CA GLY A 409 32.79 9.89 -8.46
C GLY A 409 33.75 9.03 -9.26
N VAL A 410 34.97 9.52 -9.52
CA VAL A 410 35.97 8.88 -10.42
C VAL A 410 36.69 7.77 -9.65
N ASN A 411 36.88 7.96 -8.33
CA ASN A 411 37.68 7.08 -7.45
C ASN A 411 36.77 6.26 -6.51
N ALA A 412 35.48 6.09 -6.87
CA ALA A 412 34.52 5.28 -6.09
C ALA A 412 34.98 3.82 -6.09
N THR A 413 34.99 3.18 -4.91
CA THR A 413 35.45 1.77 -4.71
C THR A 413 34.29 0.91 -4.22
N ASP A 414 34.25 -0.35 -4.63
CA ASP A 414 33.21 -1.34 -4.26
C ASP A 414 33.66 -2.09 -2.99
N VAL A 415 32.98 -3.18 -2.65
CA VAL A 415 33.27 -4.03 -1.45
C VAL A 415 34.73 -4.53 -1.51
N ILE A 416 35.17 -5.03 -2.68
CA ILE A 416 36.54 -5.59 -2.90
C ILE A 416 37.56 -4.44 -2.82
N GLY A 417 37.20 -3.27 -3.37
CA GLY A 417 38.05 -2.05 -3.39
C GLY A 417 38.50 -1.67 -4.78
N THR A 418 37.92 -2.27 -5.82
CA THR A 418 38.27 -2.04 -7.25
C THR A 418 37.55 -0.77 -7.75
N ALA A 419 38.31 0.31 -7.98
CA ALA A 419 37.85 1.56 -8.63
C ALA A 419 37.49 1.28 -10.09
N PRO A 420 36.80 2.21 -10.79
CA PRO A 420 36.48 2.02 -12.21
C PRO A 420 37.74 1.77 -13.06
N LEU A 421 38.84 2.46 -12.74
CA LEU A 421 40.12 2.42 -13.49
C LEU A 421 40.68 0.99 -13.47
N HIS A 422 40.45 0.24 -12.38
CA HIS A 422 40.79 -1.19 -12.23
C HIS A 422 40.09 -1.99 -13.34
N LEU A 423 38.80 -1.74 -13.55
CA LEU A 423 37.90 -2.53 -14.44
C LEU A 423 38.19 -2.17 -15.90
N ALA A 424 38.35 -0.88 -16.21
CA ALA A 424 38.76 -0.37 -17.54
C ALA A 424 40.07 -1.04 -17.95
N ALA A 425 41.06 -1.06 -17.05
CA ALA A 425 42.36 -1.77 -17.19
C ALA A 425 42.12 -3.28 -17.26
N MET A 426 41.21 -3.81 -16.43
CA MET A 426 40.91 -5.26 -16.32
C MET A 426 40.33 -5.79 -17.64
N TRP A 427 39.82 -4.92 -18.52
CA TRP A 427 39.34 -5.30 -19.88
C TRP A 427 40.01 -4.43 -20.97
N GLY A 428 41.07 -3.71 -20.61
CA GLY A 428 41.95 -2.99 -21.56
C GLY A 428 41.20 -2.04 -22.46
N HIS A 429 40.46 -1.09 -21.87
CA HIS A 429 39.81 0.05 -22.57
C HIS A 429 40.76 1.24 -22.60
N LEU A 430 41.76 1.18 -23.48
CA LEU A 430 42.84 2.21 -23.63
C LEU A 430 42.20 3.60 -23.74
N GLU A 431 41.16 3.74 -24.57
CA GLU A 431 40.38 4.99 -24.77
C GLU A 431 39.81 5.45 -23.41
N ILE A 432 39.14 4.55 -22.70
CA ILE A 432 38.44 4.85 -21.41
C ILE A 432 39.48 5.21 -20.34
N VAL A 433 40.56 4.43 -20.22
CA VAL A 433 41.64 4.66 -19.22
C VAL A 433 42.11 6.11 -19.30
N GLU A 434 42.30 6.62 -20.52
CA GLU A 434 42.78 8.01 -20.81
C GLU A 434 41.81 9.04 -20.25
N VAL A 435 40.50 8.82 -20.39
CA VAL A 435 39.42 9.83 -20.07
C VAL A 435 39.32 9.96 -18.55
N LEU A 436 39.49 8.86 -17.81
CA LEU A 436 39.48 8.84 -16.32
C LEU A 436 40.64 9.72 -15.82
N LEU A 437 41.85 9.44 -16.30
CA LEU A 437 43.12 10.16 -15.96
C LEU A 437 42.91 11.66 -16.09
N LYS A 438 42.23 12.10 -17.15
CA LYS A 438 41.93 13.54 -17.44
C LYS A 438 41.13 14.14 -16.27
N ASN A 439 40.06 13.45 -15.85
CA ASN A 439 39.12 13.90 -14.78
C ASN A 439 39.83 13.86 -13.42
N GLY A 440 40.74 12.90 -13.21
CA GLY A 440 41.60 12.79 -12.02
C GLY A 440 41.44 11.46 -11.31
N ALA A 441 41.54 10.35 -12.05
CA ALA A 441 41.46 8.97 -11.51
C ALA A 441 42.77 8.66 -10.76
N ASP A 442 42.66 8.11 -9.55
CA ASP A 442 43.81 7.75 -8.69
C ASP A 442 44.54 6.56 -9.34
N VAL A 443 45.68 6.82 -9.99
CA VAL A 443 46.51 5.82 -10.72
C VAL A 443 47.09 4.84 -9.71
N ASN A 444 47.48 5.36 -8.53
CA ASN A 444 48.06 4.58 -7.40
C ASN A 444 46.93 4.26 -6.39
N ALA A 445 46.08 3.29 -6.74
CA ALA A 445 44.96 2.79 -5.90
C ALA A 445 45.04 1.26 -5.81
N GLN A 446 45.16 0.72 -4.59
CA GLN A 446 45.27 -0.74 -4.33
C GLN A 446 43.97 -1.24 -3.69
N ASP A 447 43.51 -2.43 -4.11
CA ASP A 447 42.27 -3.09 -3.62
C ASP A 447 42.63 -4.08 -2.50
N LYS A 448 41.70 -4.93 -2.09
CA LYS A 448 41.86 -5.95 -1.01
C LYS A 448 43.05 -6.87 -1.33
N PHE A 449 43.20 -7.25 -2.61
CA PHE A 449 44.26 -8.17 -3.09
C PHE A 449 45.53 -7.38 -3.44
N GLY A 450 45.50 -6.04 -3.28
CA GLY A 450 46.68 -5.16 -3.36
C GLY A 450 46.99 -4.71 -4.78
N LYS A 451 46.44 -5.41 -5.78
CA LYS A 451 46.68 -5.14 -7.23
C LYS A 451 46.22 -3.73 -7.58
N THR A 452 47.11 -2.92 -8.16
CA THR A 452 46.84 -1.56 -8.67
C THR A 452 46.26 -1.66 -10.08
N PRO A 453 45.75 -0.55 -10.68
CA PRO A 453 45.28 -0.58 -12.05
C PRO A 453 46.37 -1.05 -13.02
N PHE A 454 47.61 -0.59 -12.81
CA PHE A 454 48.81 -0.98 -13.60
C PHE A 454 49.06 -2.49 -13.46
N ASP A 455 49.06 -3.00 -12.22
CA ASP A 455 49.29 -4.43 -11.90
C ASP A 455 48.31 -5.29 -12.73
N LEU A 456 47.04 -4.90 -12.76
CA LEU A 456 45.97 -5.58 -13.53
C LEU A 456 46.24 -5.45 -15.03
N ALA A 457 46.70 -4.28 -15.49
CA ALA A 457 47.08 -4.00 -16.90
C ALA A 457 48.22 -4.95 -17.31
N ILE A 458 49.22 -5.11 -16.44
CA ILE A 458 50.38 -6.04 -16.64
C ILE A 458 49.86 -7.47 -16.69
N ASP A 459 49.05 -7.87 -15.70
CA ASP A 459 48.44 -9.22 -15.57
C ASP A 459 47.57 -9.51 -16.81
N ASN A 460 46.84 -8.51 -17.30
CA ASN A 460 45.99 -8.58 -18.51
C ASN A 460 46.88 -8.74 -19.75
N GLY A 461 47.90 -7.88 -19.87
CA GLY A 461 48.78 -7.78 -21.05
C GLY A 461 48.42 -6.58 -21.92
N ASN A 462 47.66 -5.62 -21.38
CA ASN A 462 47.37 -4.31 -22.01
C ASN A 462 48.62 -3.44 -21.91
N GLU A 463 49.64 -3.75 -22.71
CA GLU A 463 50.99 -3.13 -22.69
C GLU A 463 50.87 -1.61 -22.90
N ASP A 464 50.01 -1.19 -23.83
CA ASP A 464 49.71 0.24 -24.11
C ASP A 464 49.11 0.88 -22.85
N ILE A 465 48.08 0.24 -22.27
CA ILE A 465 47.36 0.70 -21.05
C ILE A 465 48.36 0.82 -19.89
N ALA A 466 49.13 -0.24 -19.64
CA ALA A 466 50.18 -0.32 -18.58
C ALA A 466 51.19 0.81 -18.78
N GLU A 467 51.62 1.04 -20.03
CA GLU A 467 52.61 2.09 -20.41
C GLU A 467 52.09 3.46 -20.00
N VAL A 468 50.79 3.71 -20.18
CA VAL A 468 50.13 5.01 -19.85
C VAL A 468 50.14 5.20 -18.33
N LEU A 469 49.57 4.23 -17.59
CA LEU A 469 49.45 4.26 -16.11
C LEU A 469 50.82 4.54 -15.48
N GLN A 470 51.88 3.92 -16.02
CA GLN A 470 53.29 4.10 -15.56
C GLN A 470 53.67 5.58 -15.69
N LYS A 471 53.45 6.18 -16.87
CA LYS A 471 53.81 7.58 -17.19
C LYS A 471 53.06 8.55 -16.27
N ALA A 472 51.79 8.26 -15.97
CA ALA A 472 50.90 9.07 -15.12
C ALA A 472 51.42 9.10 -13.67
N ALA A 473 51.75 7.93 -13.13
CA ALA A 473 52.32 7.76 -11.77
C ALA A 473 53.65 8.52 -11.66
N THR A 474 54.51 8.36 -12.67
CA THR A 474 55.84 9.02 -12.78
C THR A 474 55.68 10.54 -12.71
N ARG A 475 54.71 11.09 -13.43
CA ARG A 475 54.38 12.54 -13.47
C ARG A 475 54.13 13.03 -12.03
N GLU A 476 53.33 12.29 -11.27
CA GLU A 476 52.97 12.59 -9.85
C GLU A 476 54.23 12.66 -8.99
N LEU A 477 55.23 11.83 -9.30
CA LEU A 477 56.55 11.76 -8.60
C LEU A 477 57.28 13.09 -8.73
N GLU A 478 57.40 13.60 -9.97
CA GLU A 478 58.09 14.88 -10.31
C GLU A 478 57.40 16.06 -9.61
N VAL A 479 56.07 16.00 -9.48
CA VAL A 479 55.22 17.03 -8.81
C VAL A 479 55.62 17.16 -7.34
N LEU A 480 56.01 16.05 -6.70
CA LEU A 480 56.48 16.00 -5.30
C LEU A 480 57.80 16.78 -5.18
N PHE A 481 58.74 16.56 -6.11
CA PHE A 481 60.07 17.21 -6.17
C PHE A 481 60.03 18.37 -7.18
#